data_4YIQ
#
_entry.id   4YIQ
#
_cell.length_a   62.465
_cell.length_b   97.192
_cell.length_c   97.691
_cell.angle_alpha   90.000
_cell.angle_beta   90.000
_cell.angle_gamma   90.000
#
_symmetry.space_group_name_H-M   'P 21 21 21'
#
loop_
_entity.id
_entity.type
_entity.pdbx_description
1 polymer 'Carcinoembryonic antigen-related cell adhesion molecule 8'
2 polymer 'Carcinoembryonic antigen-related cell adhesion molecule 6'
3 non-polymer GLYCEROL
4 non-polymer 'CHLORIDE ION'
5 water water
#
loop_
_entity_poly.entity_id
_entity_poly.type
_entity_poly.pdbx_seq_one_letter_code
_entity_poly.pdbx_strand_id
1 'polypeptide(L)'
;AQLTIEAVPSNAAEGKEVLLLVHNLPQDPRGYNWYKGETVDANRRIIGYVISNQQITPGPAYSNRETIYPNASLLMRNVT
RNDTGSYTLQVIKLNLMSEEVTGQFSVH
;
A,C
2 'polypeptide(L)'
;AKLTIESTPFNVAEGKEVLLLAHNLPQNRIGYSWYKGERVDGNSLIVGYVIGTQQATPGPAYSGRETIYPNASLLIQNVT
QNDTGFYTLQVIKSDLVNEEATGQFHVY
;
B,D
#
# COMPACT_ATOMS: atom_id res chain seq x y z
N GLN A 2 -2.12 13.61 -3.81
CA GLN A 2 -2.06 13.14 -2.39
C GLN A 2 -2.87 14.03 -1.43
N LEU A 3 -3.94 13.48 -0.85
CA LEU A 3 -4.80 14.24 0.06
C LEU A 3 -4.04 14.68 1.32
N THR A 4 -4.00 15.99 1.59
CA THR A 4 -3.27 16.51 2.74
C THR A 4 -4.06 17.63 3.43
N ILE A 5 -3.77 17.81 4.72
CA ILE A 5 -4.28 18.92 5.49
C ILE A 5 -3.12 19.84 5.87
N GLU A 6 -3.32 21.13 5.68
CA GLU A 6 -2.35 22.15 6.08
C GLU A 6 -3.04 23.04 7.11
N ALA A 7 -2.53 23.08 8.33
CA ALA A 7 -3.07 23.96 9.38
C ALA A 7 -2.54 25.39 9.19
N VAL A 8 -3.44 26.35 9.11
CA VAL A 8 -3.06 27.75 8.92
C VAL A 8 -3.67 28.63 10.02
N PRO A 9 -2.89 29.08 10.99
CA PRO A 9 -1.48 28.70 11.19
C PRO A 9 -1.37 27.36 11.91
N SER A 10 -0.15 26.83 11.96
CA SER A 10 0.13 25.55 12.62
C SER A 10 0.13 25.70 14.16
N ASN A 11 0.57 26.85 14.64
CA ASN A 11 0.57 27.17 16.05
C ASN A 11 -0.09 28.52 16.27
N ALA A 12 -1.25 28.53 16.91
CA ALA A 12 -2.06 29.74 17.03
C ALA A 12 -2.14 30.25 18.46
N ALA A 13 -2.45 31.54 18.58
CA ALA A 13 -2.67 32.17 19.89
C ALA A 13 -4.13 31.99 20.31
N GLU A 14 -4.35 31.85 21.62
CA GLU A 14 -5.70 31.75 22.16
C GLU A 14 -6.57 32.89 21.65
N GLY A 15 -7.82 32.57 21.32
CA GLY A 15 -8.77 33.57 20.86
C GLY A 15 -8.75 33.82 19.37
N LYS A 16 -7.72 33.32 18.69
CA LYS A 16 -7.57 33.53 17.26
C LYS A 16 -8.21 32.36 16.52
N GLU A 17 -7.89 32.20 15.25
CA GLU A 17 -8.53 31.15 14.47
C GLU A 17 -7.51 30.25 13.81
N VAL A 18 -7.96 29.05 13.48
CA VAL A 18 -7.17 28.11 12.71
C VAL A 18 -8.00 27.57 11.54
N LEU A 19 -7.40 27.53 10.35
CA LEU A 19 -8.02 26.93 9.18
C LEU A 19 -7.28 25.65 8.84
N LEU A 20 -8.02 24.55 8.75
CA LEU A 20 -7.45 23.30 8.28
C LEU A 20 -7.77 23.19 6.79
N LEU A 21 -6.78 23.60 6.01
CA LEU A 21 -6.89 23.69 4.57
C LEU A 21 -6.63 22.35 3.94
N VAL A 22 -7.55 21.90 3.08
CA VAL A 22 -7.46 20.58 2.45
C VAL A 22 -6.89 20.75 1.05
N HIS A 23 -5.87 19.95 0.73
CA HIS A 23 -5.30 19.96 -0.62
C HIS A 23 -5.56 18.60 -1.26
N ASN A 24 -5.73 18.61 -2.58
CA ASN A 24 -5.84 17.39 -3.40
C ASN A 24 -6.99 16.49 -3.01
N LEU A 25 -8.19 17.06 -2.99
CA LEU A 25 -9.39 16.25 -2.87
C LEU A 25 -9.46 15.25 -4.02
N PRO A 26 -10.01 14.06 -3.78
CA PRO A 26 -10.22 13.17 -4.92
C PRO A 26 -11.25 13.74 -5.87
N GLN A 27 -11.23 13.24 -7.09
CA GLN A 27 -12.29 13.50 -8.04
C GLN A 27 -13.54 12.78 -7.52
N ASP A 28 -14.70 13.31 -7.87
CA ASP A 28 -15.98 12.71 -7.54
C ASP A 28 -16.18 12.51 -6.03
N PRO A 29 -15.93 13.56 -5.26
CA PRO A 29 -16.35 13.55 -3.87
C PRO A 29 -17.87 13.61 -3.80
N ARG A 30 -18.45 12.93 -2.81
CA ARG A 30 -19.87 13.03 -2.49
C ARG A 30 -20.07 13.98 -1.30
N GLY A 31 -19.14 13.96 -0.35
CA GLY A 31 -19.17 14.91 0.76
C GLY A 31 -18.12 14.61 1.78
N TYR A 32 -18.16 15.31 2.91
CA TYR A 32 -17.07 15.32 3.86
C TYR A 32 -17.56 15.29 5.27
N ASN A 33 -16.75 14.72 6.15
CA ASN A 33 -16.96 14.85 7.60
C ASN A 33 -15.64 15.10 8.31
N TRP A 34 -15.68 16.01 9.29
CA TRP A 34 -14.53 16.34 10.11
C TRP A 34 -14.74 15.75 11.49
N TYR A 35 -13.66 15.22 12.07
CA TYR A 35 -13.66 14.57 13.37
C TYR A 35 -12.56 15.15 14.26
N LYS A 36 -12.85 15.29 15.55
CA LYS A 36 -11.82 15.58 16.53
C LYS A 36 -11.03 14.31 16.78
N GLY A 37 -9.70 14.43 16.74
CA GLY A 37 -8.81 13.32 17.04
C GLY A 37 -8.23 12.67 15.79
N GLU A 38 -7.68 11.48 15.99
CA GLU A 38 -6.93 10.81 14.94
C GLU A 38 -7.73 9.76 14.16
N THR A 39 -9.00 9.57 14.51
N THR A 39 -9.01 9.58 14.51
CA THR A 39 -9.79 8.49 13.94
CA THR A 39 -9.81 8.45 14.06
C THR A 39 -11.22 8.90 13.66
C THR A 39 -11.23 8.88 13.69
N VAL A 40 -11.76 8.33 12.59
CA VAL A 40 -13.16 8.53 12.23
C VAL A 40 -14.01 7.85 13.31
N ASP A 41 -14.91 8.62 13.92
CA ASP A 41 -15.72 8.15 15.04
C ASP A 41 -16.91 9.09 15.17
N ALA A 42 -18.12 8.58 14.88
CA ALA A 42 -19.35 9.36 14.90
C ALA A 42 -19.51 10.24 16.14
N ASN A 43 -19.07 9.73 17.29
CA ASN A 43 -19.16 10.50 18.53
C ASN A 43 -18.24 11.72 18.54
N ARG A 44 -17.22 11.70 17.67
CA ARG A 44 -16.28 12.80 17.60
C ARG A 44 -16.48 13.65 16.36
N ARG A 45 -17.60 13.46 15.66
CA ARG A 45 -17.86 14.17 14.43
C ARG A 45 -18.21 15.63 14.73
N ILE A 46 -17.44 16.53 14.13
CA ILE A 46 -17.61 17.95 14.36
C ILE A 46 -18.69 18.52 13.43
N ILE A 47 -18.55 18.25 12.15
CA ILE A 47 -19.43 18.85 11.14
C ILE A 47 -19.16 18.17 9.81
N GLY A 48 -20.16 18.14 8.93
CA GLY A 48 -19.99 17.58 7.60
C GLY A 48 -20.68 18.42 6.55
N TYR A 49 -20.60 17.94 5.33
CA TYR A 49 -21.12 18.67 4.19
C TYR A 49 -21.46 17.68 3.10
N VAL A 50 -22.68 17.79 2.58
CA VAL A 50 -23.13 16.97 1.46
C VAL A 50 -23.14 17.86 0.23
N ILE A 51 -22.35 17.50 -0.80
CA ILE A 51 -22.19 18.38 -1.95
C ILE A 51 -23.49 18.61 -2.74
N SER A 52 -24.24 17.53 -3.02
CA SER A 52 -25.39 17.62 -3.93
C SER A 52 -26.45 18.64 -3.51
N ASN A 53 -26.75 18.70 -2.22
CA ASN A 53 -27.76 19.66 -1.72
C ASN A 53 -27.17 20.72 -0.77
N GLN A 54 -25.83 20.75 -0.69
CA GLN A 54 -25.09 21.73 0.12
CA GLN A 54 -25.10 21.72 0.13
C GLN A 54 -25.53 21.67 1.60
N GLN A 55 -25.88 20.49 2.07
CA GLN A 55 -26.33 20.34 3.45
C GLN A 55 -25.15 20.31 4.39
N ILE A 56 -25.23 21.11 5.46
CA ILE A 56 -24.20 21.21 6.49
C ILE A 56 -24.74 20.47 7.71
N THR A 57 -23.92 19.60 8.28
CA THR A 57 -24.36 18.65 9.29
C THR A 57 -23.56 18.74 10.59
N PRO A 58 -23.91 19.70 11.46
CA PRO A 58 -23.26 19.75 12.77
C PRO A 58 -23.32 18.40 13.49
N GLY A 59 -22.22 18.00 14.11
CA GLY A 59 -22.18 16.73 14.83
C GLY A 59 -22.07 16.89 16.33
N PRO A 60 -21.88 15.77 17.04
CA PRO A 60 -21.80 15.83 18.50
C PRO A 60 -20.61 16.63 19.04
N ALA A 61 -19.55 16.77 18.26
CA ALA A 61 -18.38 17.55 18.69
C ALA A 61 -18.40 18.99 18.18
N TYR A 62 -19.48 19.40 17.52
CA TYR A 62 -19.66 20.81 17.11
C TYR A 62 -19.69 21.68 18.35
N SER A 63 -18.94 22.78 18.36
CA SER A 63 -18.87 23.65 19.55
C SER A 63 -19.28 25.08 19.24
N ASN A 64 -20.05 25.26 18.18
CA ASN A 64 -20.49 26.60 17.73
CA ASN A 64 -20.49 26.57 17.69
C ASN A 64 -19.36 27.53 17.30
N ARG A 65 -18.23 26.97 16.86
CA ARG A 65 -17.10 27.76 16.45
C ARG A 65 -16.60 27.37 15.06
N GLU A 66 -17.22 26.35 14.46
CA GLU A 66 -16.67 25.69 13.29
C GLU A 66 -17.49 25.93 12.04
N THR A 67 -16.79 26.10 10.93
CA THR A 67 -17.42 26.28 9.61
C THR A 67 -16.70 25.35 8.63
N ILE A 68 -17.46 24.67 7.80
CA ILE A 68 -16.88 23.79 6.77
C ILE A 68 -17.14 24.45 5.43
N TYR A 69 -16.11 24.48 4.57
CA TYR A 69 -16.23 25.12 3.27
C TYR A 69 -16.44 24.05 2.19
N PRO A 70 -17.00 24.45 1.04
CA PRO A 70 -17.20 23.51 -0.07
C PRO A 70 -15.94 22.78 -0.55
N ASN A 71 -14.76 23.35 -0.29
CA ASN A 71 -13.48 22.68 -0.61
C ASN A 71 -13.00 21.74 0.52
N ALA A 72 -13.89 21.48 1.48
CA ALA A 72 -13.69 20.60 2.64
C ALA A 72 -12.87 21.16 3.79
N SER A 73 -12.35 22.37 3.67
CA SER A 73 -11.54 22.94 4.73
C SER A 73 -12.43 23.27 5.92
N LEU A 74 -11.82 23.24 7.10
CA LEU A 74 -12.48 23.51 8.36
C LEU A 74 -11.90 24.72 9.03
N LEU A 75 -12.76 25.68 9.35
CA LEU A 75 -12.36 26.86 10.10
C LEU A 75 -12.85 26.72 11.54
N MET A 76 -11.94 26.92 12.49
CA MET A 76 -12.30 26.98 13.91
C MET A 76 -11.96 28.36 14.43
N ARG A 77 -12.98 29.06 14.90
CA ARG A 77 -12.83 30.40 15.48
C ARG A 77 -12.60 30.27 16.98
N ASN A 78 -12.04 31.32 17.58
CA ASN A 78 -11.96 31.41 19.03
C ASN A 78 -11.30 30.19 19.65
N VAL A 79 -10.13 29.83 19.13
CA VAL A 79 -9.43 28.65 19.60
C VAL A 79 -8.86 28.84 21.00
N THR A 80 -8.69 27.73 21.71
CA THR A 80 -8.11 27.74 23.06
C THR A 80 -7.03 26.67 23.15
N ARG A 81 -6.30 26.67 24.26
CA ARG A 81 -5.25 25.70 24.48
C ARG A 81 -5.78 24.25 24.44
N ASN A 82 -7.02 24.08 24.87
CA ASN A 82 -7.70 22.78 24.83
C ASN A 82 -8.09 22.25 23.45
N ASP A 83 -7.93 23.06 22.39
CA ASP A 83 -8.12 22.57 21.01
C ASP A 83 -6.88 21.92 20.42
N THR A 84 -5.73 22.10 21.09
CA THR A 84 -4.50 21.50 20.67
C THR A 84 -4.69 20.00 20.42
N GLY A 85 -4.26 19.53 19.24
CA GLY A 85 -4.41 18.12 18.93
C GLY A 85 -4.65 17.81 17.46
N SER A 86 -5.09 16.58 17.20
CA SER A 86 -5.31 16.09 15.85
C SER A 86 -6.77 16.23 15.42
N TYR A 87 -6.96 16.39 14.11
CA TYR A 87 -8.29 16.47 13.49
C TYR A 87 -8.26 15.63 12.21
N THR A 88 -9.33 14.88 11.98
CA THR A 88 -9.38 13.91 10.89
C THR A 88 -10.54 14.20 9.95
N LEU A 89 -10.22 14.22 8.66
CA LEU A 89 -11.20 14.40 7.62
C LEU A 89 -11.45 13.08 6.92
N GLN A 90 -12.73 12.74 6.74
CA GLN A 90 -13.09 11.64 5.88
C GLN A 90 -13.82 12.21 4.67
N VAL A 91 -13.32 11.85 3.49
CA VAL A 91 -14.00 12.17 2.24
C VAL A 91 -14.73 10.94 1.72
N ILE A 92 -16.05 11.05 1.54
CA ILE A 92 -16.83 9.99 0.93
C ILE A 92 -16.97 10.33 -0.56
N LYS A 93 -16.60 9.38 -1.41
CA LYS A 93 -16.67 9.55 -2.86
C LYS A 93 -18.04 9.12 -3.37
N LEU A 94 -18.35 9.46 -4.62
CA LEU A 94 -19.65 9.14 -5.20
C LEU A 94 -19.96 7.64 -5.16
N ASN A 95 -18.94 6.81 -5.40
CA ASN A 95 -19.07 5.37 -5.30
C ASN A 95 -19.04 4.81 -3.87
N LEU A 96 -19.04 5.69 -2.88
CA LEU A 96 -19.10 5.39 -1.44
C LEU A 96 -17.84 4.77 -0.83
N MET A 97 -16.78 4.66 -1.64
CA MET A 97 -15.43 4.45 -1.12
C MET A 97 -14.99 5.75 -0.45
N SER A 98 -13.96 5.68 0.38
CA SER A 98 -13.54 6.84 1.16
CA SER A 98 -13.56 6.84 1.16
C SER A 98 -12.05 7.02 1.25
N GLU A 99 -11.65 8.21 1.64
CA GLU A 99 -10.27 8.51 1.98
C GLU A 99 -10.29 9.24 3.32
N GLU A 100 -9.28 9.00 4.13
CA GLU A 100 -9.14 9.66 5.44
C GLU A 100 -7.77 10.30 5.53
N VAL A 101 -7.70 11.44 6.19
CA VAL A 101 -6.43 12.14 6.42
C VAL A 101 -6.53 12.90 7.74
N THR A 102 -5.42 12.97 8.46
CA THR A 102 -5.35 13.54 9.78
C THR A 102 -4.33 14.66 9.76
N GLY A 103 -4.69 15.81 10.33
CA GLY A 103 -3.74 16.91 10.53
C GLY A 103 -3.74 17.29 12.01
N GLN A 104 -3.02 18.35 12.35
CA GLN A 104 -2.98 18.80 13.73
C GLN A 104 -2.60 20.25 13.82
N PHE A 105 -2.92 20.85 14.96
CA PHE A 105 -2.43 22.17 15.30
C PHE A 105 -2.35 22.35 16.80
N SER A 106 -1.66 23.39 17.23
CA SER A 106 -1.51 23.66 18.63
C SER A 106 -1.91 25.10 18.89
N VAL A 107 -2.32 25.35 20.12
CA VAL A 107 -2.70 26.67 20.57
C VAL A 107 -1.96 26.97 21.87
N HIS A 108 -1.34 28.14 21.91
CA HIS A 108 -0.55 28.60 23.06
C HIS A 108 -1.14 29.92 23.59
N GLN B 2 4.07 -20.54 -1.26
CA GLN B 2 4.35 -20.08 -2.65
C GLN B 2 3.81 -18.65 -2.94
N LEU B 3 4.72 -17.69 -3.13
CA LEU B 3 4.33 -16.30 -3.39
C LEU B 3 3.53 -16.17 -4.69
N THR B 4 2.32 -15.62 -4.60
CA THR B 4 1.46 -15.45 -5.76
C THR B 4 0.73 -14.10 -5.74
N ILE B 5 0.36 -13.64 -6.92
CA ILE B 5 -0.46 -12.46 -7.07
C ILE B 5 -1.83 -12.89 -7.58
N GLU B 6 -2.88 -12.34 -6.98
CA GLU B 6 -4.24 -12.53 -7.46
C GLU B 6 -4.80 -11.16 -7.83
N ALA B 7 -5.15 -10.98 -9.09
CA ALA B 7 -5.80 -9.75 -9.56
C ALA B 7 -7.29 -9.78 -9.23
N VAL B 8 -7.80 -8.75 -8.55
CA VAL B 8 -9.21 -8.69 -8.19
C VAL B 8 -9.83 -7.37 -8.69
N PRO B 9 -10.65 -7.41 -9.74
CA PRO B 9 -10.88 -8.59 -10.58
C PRO B 9 -9.76 -8.81 -11.60
N SER B 10 -9.78 -9.96 -12.27
CA SER B 10 -8.77 -10.28 -13.28
C SER B 10 -9.03 -9.54 -14.59
N ASN B 11 -10.30 -9.30 -14.90
CA ASN B 11 -10.71 -8.57 -16.08
C ASN B 11 -11.66 -7.46 -15.68
N ALA B 12 -11.20 -6.22 -15.77
CA ALA B 12 -11.96 -5.09 -15.23
C ALA B 12 -12.50 -4.20 -16.32
N ALA B 13 -13.54 -3.44 -15.97
CA ALA B 13 -14.13 -2.46 -16.87
C ALA B 13 -13.38 -1.12 -16.73
N GLU B 14 -13.24 -0.40 -17.84
CA GLU B 14 -12.61 0.92 -17.81
C GLU B 14 -13.22 1.77 -16.74
N GLY B 15 -12.38 2.55 -16.06
CA GLY B 15 -12.86 3.49 -15.03
C GLY B 15 -12.98 2.89 -13.65
N LYS B 16 -12.93 1.56 -13.55
CA LYS B 16 -13.07 0.86 -12.28
C LYS B 16 -11.68 0.69 -11.67
N GLU B 17 -11.57 -0.18 -10.66
CA GLU B 17 -10.29 -0.35 -10.01
C GLU B 17 -9.88 -1.83 -10.01
N VAL B 18 -8.58 -2.05 -9.90
CA VAL B 18 -8.04 -3.40 -9.78
C VAL B 18 -7.14 -3.42 -8.55
N LEU B 19 -7.28 -4.48 -7.76
CA LEU B 19 -6.46 -4.69 -6.60
C LEU B 19 -5.60 -5.96 -6.82
N LEU B 20 -4.28 -5.80 -6.69
CA LEU B 20 -3.37 -6.92 -6.82
C LEU B 20 -3.08 -7.40 -5.40
N LEU B 21 -3.71 -8.51 -5.07
CA LEU B 21 -3.53 -9.17 -3.78
C LEU B 21 -2.29 -10.07 -3.84
N VAL B 22 -1.51 -10.01 -2.79
CA VAL B 22 -0.31 -10.80 -2.66
C VAL B 22 -0.49 -11.90 -1.60
N HIS B 23 -0.31 -13.14 -2.01
CA HIS B 23 -0.50 -14.28 -1.11
C HIS B 23 0.84 -14.87 -0.79
N ASN B 24 0.98 -15.36 0.44
CA ASN B 24 2.18 -16.04 0.88
C ASN B 24 3.44 -15.19 0.80
N LEU B 25 3.40 -14.01 1.42
CA LEU B 25 4.60 -13.21 1.62
C LEU B 25 5.59 -14.02 2.43
N PRO B 26 6.88 -13.86 2.13
CA PRO B 26 7.81 -14.51 3.01
C PRO B 26 7.78 -13.90 4.41
N GLN B 27 8.27 -14.65 5.38
CA GLN B 27 8.52 -14.11 6.69
C GLN B 27 9.68 -13.14 6.56
N ASP B 28 9.72 -12.15 7.45
CA ASP B 28 10.81 -11.17 7.50
C ASP B 28 11.00 -10.39 6.20
N PRO B 29 9.91 -9.85 5.66
CA PRO B 29 10.03 -8.88 4.58
C PRO B 29 10.65 -7.60 5.12
N ARG B 30 11.45 -6.93 4.29
CA ARG B 30 11.97 -5.61 4.60
C ARG B 30 11.13 -4.55 3.87
N GLY B 31 10.69 -4.87 2.65
CA GLY B 31 9.80 -3.99 1.92
C GLY B 31 9.58 -4.48 0.51
N TYR B 32 8.96 -3.64 -0.31
CA TYR B 32 8.39 -4.08 -1.58
C TYR B 32 8.54 -3.02 -2.65
N ASN B 33 8.62 -3.46 -3.89
CA ASN B 33 8.51 -2.60 -5.05
C ASN B 33 7.67 -3.26 -6.12
N TRP B 34 6.80 -2.44 -6.73
CA TRP B 34 5.93 -2.87 -7.82
C TRP B 34 6.41 -2.25 -9.12
N TYR B 35 6.34 -3.06 -10.18
CA TYR B 35 6.86 -2.67 -11.50
C TYR B 35 5.81 -2.95 -12.56
N LYS B 36 5.75 -2.07 -13.55
CA LYS B 36 4.97 -2.35 -14.74
C LYS B 36 5.77 -3.29 -15.61
N GLY B 37 5.13 -4.36 -16.05
CA GLY B 37 5.74 -5.33 -16.95
C GLY B 37 6.15 -6.62 -16.26
N GLU B 38 6.94 -7.40 -16.96
CA GLU B 38 7.27 -8.77 -16.51
C GLU B 38 8.58 -8.88 -15.72
N THR B 39 9.29 -7.78 -15.55
CA THR B 39 10.65 -7.83 -14.99
C THR B 39 10.89 -6.68 -14.02
N VAL B 40 11.71 -6.94 -13.02
CA VAL B 40 12.17 -5.88 -12.12
C VAL B 40 13.03 -4.93 -12.94
N ASP B 41 12.67 -3.66 -12.93
CA ASP B 41 13.35 -2.66 -13.72
C ASP B 41 13.02 -1.29 -13.14
N ALA B 42 14.04 -0.67 -12.54
CA ALA B 42 13.92 0.65 -11.93
C ALA B 42 13.18 1.70 -12.79
N ASN B 43 13.42 1.68 -14.09
CA ASN B 43 12.76 2.64 -14.99
C ASN B 43 11.27 2.42 -15.13
N ARG B 44 10.77 1.25 -14.69
CA ARG B 44 9.34 0.92 -14.74
C ARG B 44 8.73 0.74 -13.34
N ARG B 45 9.44 1.23 -12.34
CA ARG B 45 9.01 1.08 -10.96
C ARG B 45 7.83 2.01 -10.72
N ILE B 46 6.74 1.44 -10.22
CA ILE B 46 5.51 2.18 -9.98
C ILE B 46 5.59 2.85 -8.63
N ILE B 47 5.88 2.04 -7.61
CA ILE B 47 5.82 2.50 -6.23
C ILE B 47 6.42 1.42 -5.34
N GLY B 48 6.98 1.81 -4.21
CA GLY B 48 7.47 0.88 -3.22
C GLY B 48 7.11 1.25 -1.80
N TYR B 49 7.58 0.44 -0.86
CA TYR B 49 7.23 0.61 0.54
C TYR B 49 8.32 0.01 1.38
N VAL B 50 8.77 0.79 2.37
CA VAL B 50 9.76 0.31 3.34
C VAL B 50 9.02 0.11 4.66
N ILE B 51 9.05 -1.12 5.19
CA ILE B 51 8.25 -1.46 6.37
C ILE B 51 8.69 -0.68 7.63
N SER B 52 9.99 -0.62 7.89
CA SER B 52 10.51 -0.08 9.16
C SER B 52 10.07 1.36 9.45
N ASN B 53 10.09 2.22 8.43
CA ASN B 53 9.70 3.63 8.60
C ASN B 53 8.44 4.01 7.82
N GLN B 54 7.78 3.00 7.26
CA GLN B 54 6.56 3.18 6.50
C GLN B 54 6.71 4.16 5.34
N GLN B 55 7.88 4.17 4.73
CA GLN B 55 8.15 5.11 3.64
C GLN B 55 7.56 4.58 2.33
N ILE B 56 6.83 5.45 1.63
CA ILE B 56 6.21 5.11 0.35
C ILE B 56 7.02 5.83 -0.71
N THR B 57 7.37 5.11 -1.78
CA THR B 57 8.36 5.58 -2.76
C THR B 57 7.83 5.57 -4.21
N PRO B 58 7.09 6.64 -4.61
CA PRO B 58 6.59 6.71 -5.98
C PRO B 58 7.75 6.62 -6.96
N GLY B 59 7.57 5.88 -8.04
CA GLY B 59 8.62 5.70 -9.02
C GLY B 59 8.30 6.35 -10.35
N PRO B 60 9.16 6.14 -11.35
CA PRO B 60 8.93 6.73 -12.68
C PRO B 60 7.63 6.29 -13.35
N ALA B 61 7.09 5.12 -13.01
CA ALA B 61 5.83 4.67 -13.61
C ALA B 61 4.58 4.97 -12.77
N TYR B 62 4.75 5.68 -11.66
CA TYR B 62 3.63 6.15 -10.86
C TYR B 62 2.76 7.07 -11.72
N SER B 63 1.44 6.91 -11.70
CA SER B 63 0.51 7.73 -12.53
C SER B 63 -0.56 8.41 -11.69
N ASN B 64 -0.27 8.60 -10.40
CA ASN B 64 -1.21 9.20 -9.45
C ASN B 64 -2.53 8.43 -9.27
N ARG B 65 -2.52 7.14 -9.51
CA ARG B 65 -3.69 6.30 -9.38
C ARG B 65 -3.44 5.12 -8.45
N GLU B 66 -2.20 4.98 -7.97
CA GLU B 66 -1.75 3.76 -7.32
C GLU B 66 -1.52 3.95 -5.84
N THR B 67 -1.88 2.94 -5.07
CA THR B 67 -1.60 2.91 -3.65
C THR B 67 -1.00 1.55 -3.32
N ILE B 68 0.04 1.55 -2.50
CA ILE B 68 0.65 0.31 -2.02
C ILE B 68 0.35 0.19 -0.54
N TYR B 69 0.04 -1.02 -0.09
CA TYR B 69 -0.32 -1.22 1.30
C TYR B 69 0.75 -2.00 2.02
N PRO B 70 0.74 -1.95 3.37
CA PRO B 70 1.73 -2.70 4.16
C PRO B 70 1.77 -4.21 3.90
N ASN B 71 0.71 -4.80 3.39
CA ASN B 71 0.73 -6.24 3.05
C ASN B 71 1.17 -6.47 1.60
N ALA B 72 1.75 -5.44 0.99
CA ALA B 72 2.26 -5.45 -0.38
C ALA B 72 1.20 -5.40 -1.47
N SER B 73 -0.09 -5.32 -1.14
CA SER B 73 -1.12 -5.23 -2.18
CA SER B 73 -1.12 -5.23 -2.18
C SER B 73 -0.99 -3.89 -2.90
N LEU B 74 -1.37 -3.89 -4.18
CA LEU B 74 -1.32 -2.68 -5.02
C LEU B 74 -2.72 -2.40 -5.55
N LEU B 75 -3.21 -1.19 -5.29
CA LEU B 75 -4.46 -0.73 -5.83
C LEU B 75 -4.21 0.22 -6.96
N MET B 76 -4.85 -0.02 -8.10
CA MET B 76 -4.84 0.93 -9.21
C MET B 76 -6.27 1.40 -9.47
N ARG B 77 -6.50 2.70 -9.30
CA ARG B 77 -7.82 3.30 -9.54
C ARG B 77 -7.93 3.74 -10.98
N ASN B 78 -9.17 3.91 -11.44
CA ASN B 78 -9.42 4.54 -12.73
C ASN B 78 -8.64 3.85 -13.85
N VAL B 79 -8.79 2.53 -13.93
CA VAL B 79 -8.04 1.74 -14.92
C VAL B 79 -8.56 1.97 -16.34
N THR B 80 -7.67 1.76 -17.31
CA THR B 80 -8.02 1.91 -18.72
C THR B 80 -7.52 0.70 -19.48
N ARG B 81 -7.92 0.61 -20.75
CA ARG B 81 -7.53 -0.51 -21.59
C ARG B 81 -6.00 -0.62 -21.68
N ASN B 82 -5.33 0.52 -21.65
CA ASN B 82 -3.87 0.57 -21.70
C ASN B 82 -3.14 0.05 -20.45
N ASP B 83 -3.86 -0.23 -19.37
CA ASP B 83 -3.26 -0.86 -18.20
C ASP B 83 -3.18 -2.38 -18.32
N THR B 84 -3.87 -2.93 -19.32
CA THR B 84 -3.80 -4.36 -19.62
C THR B 84 -2.35 -4.81 -19.72
N GLY B 85 -2.02 -5.86 -18.98
CA GLY B 85 -0.66 -6.38 -19.04
C GLY B 85 -0.17 -6.98 -17.76
N SER B 86 1.15 -7.14 -17.67
CA SER B 86 1.78 -7.76 -16.52
C SER B 86 2.30 -6.74 -15.52
N TYR B 87 2.33 -7.14 -14.25
CA TYR B 87 2.85 -6.34 -13.14
C TYR B 87 3.69 -7.25 -12.27
N THR B 88 4.84 -6.75 -11.86
CA THR B 88 5.82 -7.56 -11.16
C THR B 88 6.13 -6.95 -9.80
N LEU B 89 6.11 -7.82 -8.79
CA LEU B 89 6.42 -7.42 -7.43
C LEU B 89 7.77 -8.02 -7.07
N GLN B 90 8.62 -7.20 -6.46
CA GLN B 90 9.81 -7.73 -5.79
C GLN B 90 9.66 -7.49 -4.30
N VAL B 91 9.84 -8.57 -3.53
CA VAL B 91 9.92 -8.49 -2.09
C VAL B 91 11.36 -8.61 -1.63
N ILE B 92 11.85 -7.60 -0.93
CA ILE B 92 13.18 -7.64 -0.35
C ILE B 92 13.00 -8.09 1.10
N LYS B 93 13.71 -9.14 1.48
CA LYS B 93 13.69 -9.67 2.84
C LYS B 93 14.69 -8.94 3.73
N LEU B 94 14.59 -9.13 5.04
CA LEU B 94 15.49 -8.45 5.98
C LEU B 94 16.96 -8.75 5.68
N ASN B 95 17.26 -9.99 5.32
CA ASN B 95 18.60 -10.40 4.95
C ASN B 95 19.03 -9.98 3.52
N LEU B 96 18.19 -9.18 2.87
CA LEU B 96 18.43 -8.60 1.54
C LEU B 96 18.40 -9.61 0.36
N MET B 97 18.05 -10.86 0.64
CA MET B 97 17.63 -11.79 -0.40
C MET B 97 16.25 -11.36 -0.85
N SER B 98 15.83 -11.81 -2.02
CA SER B 98 14.56 -11.34 -2.59
CA SER B 98 14.55 -11.34 -2.56
C SER B 98 13.75 -12.43 -3.25
N GLU B 99 12.48 -12.12 -3.48
CA GLU B 99 11.60 -12.96 -4.25
C GLU B 99 10.88 -12.05 -5.25
N GLU B 100 10.64 -12.57 -6.44
CA GLU B 100 9.94 -11.85 -7.49
C GLU B 100 8.77 -12.68 -7.97
N VAL B 101 7.67 -12.01 -8.30
CA VAL B 101 6.50 -12.67 -8.84
C VAL B 101 5.78 -11.70 -9.78
N THR B 102 5.16 -12.27 -10.81
CA THR B 102 4.52 -11.48 -11.86
C THR B 102 3.07 -11.92 -11.97
N GLY B 103 2.16 -10.96 -12.03
CA GLY B 103 0.76 -11.26 -12.25
C GLY B 103 0.30 -10.44 -13.45
N GLN B 104 -0.98 -10.50 -13.74
CA GLN B 104 -1.51 -9.74 -14.85
C GLN B 104 -2.98 -9.49 -14.68
N PHE B 105 -3.46 -8.50 -15.41
CA PHE B 105 -4.88 -8.28 -15.54
C PHE B 105 -5.18 -7.61 -16.87
N SER B 106 -6.44 -7.61 -17.24
CA SER B 106 -6.86 -6.97 -18.45
C SER B 106 -7.98 -6.01 -18.13
N VAL B 107 -8.15 -5.01 -19.00
CA VAL B 107 -9.20 -4.03 -18.90
C VAL B 107 -9.87 -3.94 -20.27
N HIS B 108 -11.20 -4.02 -20.26
CA HIS B 108 -11.99 -3.97 -21.50
C HIS B 108 -12.99 -2.82 -21.40
N LYS C 2 -29.13 1.84 18.68
CA LYS C 2 -27.67 2.02 18.36
C LYS C 2 -27.10 0.84 17.58
N LEU C 3 -26.39 1.15 16.50
CA LEU C 3 -25.75 0.12 15.65
C LEU C 3 -24.80 -0.78 16.49
N THR C 4 -25.00 -2.10 16.45
CA THR C 4 -24.11 -3.02 17.13
C THR C 4 -23.81 -4.22 16.26
N ILE C 5 -22.68 -4.85 16.51
CA ILE C 5 -22.25 -6.03 15.72
C ILE C 5 -22.29 -7.25 16.61
N GLU C 6 -22.90 -8.32 16.12
CA GLU C 6 -22.92 -9.59 16.83
C GLU C 6 -22.19 -10.60 15.98
N SER C 7 -21.25 -11.31 16.55
CA SER C 7 -20.60 -12.42 15.83
C SER C 7 -21.27 -13.73 16.23
N THR C 8 -21.48 -14.60 15.25
CA THR C 8 -22.10 -15.88 15.52
C THR C 8 -21.40 -16.98 14.72
N PRO C 9 -20.80 -17.98 15.39
CA PRO C 9 -20.52 -17.96 16.83
C PRO C 9 -19.37 -17.00 17.19
N PHE C 10 -19.20 -16.69 18.47
CA PHE C 10 -18.06 -15.87 18.91
C PHE C 10 -16.76 -16.66 18.81
N ASN C 11 -16.79 -17.87 19.36
CA ASN C 11 -15.66 -18.78 19.24
C ASN C 11 -15.86 -19.62 17.98
N VAL C 12 -14.93 -19.45 17.03
CA VAL C 12 -15.00 -20.09 15.75
C VAL C 12 -13.79 -21.00 15.53
N ALA C 13 -14.04 -22.27 15.26
CA ALA C 13 -12.95 -23.22 15.06
C ALA C 13 -12.24 -22.91 13.76
N GLU C 14 -10.91 -23.02 13.78
CA GLU C 14 -10.08 -22.85 12.60
C GLU C 14 -10.66 -23.68 11.46
N GLY C 15 -10.73 -23.08 10.27
CA GLY C 15 -11.33 -23.76 9.11
C GLY C 15 -12.83 -23.60 8.93
N LYS C 16 -13.56 -23.16 9.95
CA LYS C 16 -15.01 -23.03 9.87
C LYS C 16 -15.39 -21.60 9.53
N GLU C 17 -16.65 -21.23 9.74
CA GLU C 17 -17.08 -19.91 9.30
C GLU C 17 -17.75 -19.12 10.41
N VAL C 18 -17.73 -17.81 10.24
CA VAL C 18 -18.35 -16.91 11.17
C VAL C 18 -19.20 -15.90 10.41
N LEU C 19 -20.35 -15.56 10.98
CA LEU C 19 -21.21 -14.52 10.43
C LEU C 19 -21.24 -13.33 11.41
N LEU C 20 -20.86 -12.16 10.92
CA LEU C 20 -20.96 -10.90 11.68
C LEU C 20 -22.26 -10.22 11.29
N LEU C 21 -23.14 -10.01 12.25
CA LEU C 21 -24.47 -9.49 12.01
C LEU C 21 -24.50 -8.05 12.46
N ALA C 22 -25.16 -7.19 11.72
CA ALA C 22 -25.31 -5.78 12.13
C ALA C 22 -26.74 -5.56 12.61
N HIS C 23 -26.89 -5.16 13.87
CA HIS C 23 -28.19 -4.86 14.41
C HIS C 23 -28.44 -3.35 14.43
N ASN C 24 -29.69 -2.96 14.23
CA ASN C 24 -30.12 -1.56 14.29
C ASN C 24 -29.44 -0.69 13.24
N LEU C 25 -29.58 -1.11 12.00
CA LEU C 25 -29.13 -0.33 10.85
C LEU C 25 -29.96 0.95 10.72
N PRO C 26 -29.32 2.06 10.32
CA PRO C 26 -30.08 3.29 10.09
C PRO C 26 -30.93 3.19 8.82
N GLN C 27 -32.08 3.84 8.84
CA GLN C 27 -33.02 3.72 7.74
C GLN C 27 -32.51 4.36 6.44
N ASN C 28 -31.73 5.43 6.55
CA ASN C 28 -31.23 6.13 5.35
C ASN C 28 -29.84 5.61 4.90
N ARG C 29 -29.55 4.36 5.23
CA ARG C 29 -28.30 3.72 4.78
C ARG C 29 -28.22 3.69 3.26
N ILE C 30 -27.02 3.97 2.71
CA ILE C 30 -26.78 3.78 1.27
C ILE C 30 -25.60 2.88 0.95
N GLY C 31 -24.70 2.66 1.91
CA GLY C 31 -23.60 1.75 1.68
C GLY C 31 -22.93 1.31 2.95
N TYR C 32 -21.98 0.40 2.81
CA TYR C 32 -21.25 -0.16 3.95
C TYR C 32 -19.77 -0.24 3.65
N SER C 33 -18.94 -0.12 4.66
CA SER C 33 -17.54 -0.57 4.54
C SER C 33 -17.18 -1.40 5.77
N TRP C 34 -16.59 -2.57 5.55
CA TRP C 34 -16.07 -3.39 6.64
C TRP C 34 -14.56 -3.31 6.69
N TYR C 35 -14.02 -3.17 7.90
CA TYR C 35 -12.61 -3.03 8.17
C TYR C 35 -12.15 -4.08 9.18
N LYS C 36 -10.94 -4.59 8.97
CA LYS C 36 -10.30 -5.40 9.99
C LYS C 36 -9.73 -4.47 11.06
N GLY C 37 -9.97 -4.82 12.32
CA GLY C 37 -9.50 -4.03 13.46
C GLY C 37 -10.62 -3.17 14.05
N GLU C 38 -10.23 -2.18 14.84
CA GLU C 38 -11.18 -1.44 15.68
C GLU C 38 -11.55 -0.07 15.14
N ARG C 39 -11.05 0.25 13.95
CA ARG C 39 -11.24 1.58 13.40
C ARG C 39 -11.37 1.60 11.89
N VAL C 40 -12.03 2.63 11.41
CA VAL C 40 -12.02 2.98 10.02
C VAL C 40 -10.57 3.31 9.66
N ASP C 41 -10.03 2.64 8.65
CA ASP C 41 -8.65 2.82 8.23
C ASP C 41 -8.50 2.17 6.86
N GLY C 42 -8.13 2.98 5.86
CA GLY C 42 -8.03 2.53 4.48
C GLY C 42 -7.14 1.32 4.30
N ASN C 43 -6.05 1.27 5.07
CA ASN C 43 -5.13 0.12 5.02
C ASN C 43 -5.75 -1.19 5.52
N SER C 44 -6.91 -1.10 6.18
CA SER C 44 -7.58 -2.25 6.76
C SER C 44 -8.95 -2.53 6.16
N LEU C 45 -9.28 -1.86 5.06
CA LEU C 45 -10.57 -2.08 4.40
C LEU C 45 -10.66 -3.49 3.83
N ILE C 46 -11.68 -4.22 4.24
CA ILE C 46 -11.96 -5.53 3.70
C ILE C 46 -12.76 -5.37 2.43
N VAL C 47 -13.90 -4.70 2.54
CA VAL C 47 -14.81 -4.58 1.43
C VAL C 47 -15.76 -3.40 1.62
N GLY C 48 -16.00 -2.70 0.54
CA GLY C 48 -16.99 -1.62 0.48
C GLY C 48 -18.17 -2.10 -0.35
N TYR C 49 -19.34 -1.49 -0.14
CA TYR C 49 -20.57 -2.00 -0.72
C TYR C 49 -21.57 -0.90 -0.95
N VAL C 50 -22.13 -0.85 -2.16
CA VAL C 50 -23.18 0.10 -2.50
C VAL C 50 -24.50 -0.66 -2.54
N ILE C 51 -25.44 -0.26 -1.67
CA ILE C 51 -26.68 -1.02 -1.51
C ILE C 51 -27.47 -1.08 -2.81
N GLY C 52 -27.62 0.07 -3.45
CA GLY C 52 -28.50 0.21 -4.60
C GLY C 52 -28.07 -0.57 -5.83
N THR C 53 -26.76 -0.67 -6.05
CA THR C 53 -26.20 -1.40 -7.19
C THR C 53 -25.70 -2.79 -6.80
N GLN C 54 -25.69 -3.08 -5.51
CA GLN C 54 -25.16 -4.32 -4.97
C GLN C 54 -23.70 -4.55 -5.40
N GLN C 55 -22.95 -3.48 -5.61
CA GLN C 55 -21.57 -3.58 -6.05
C GLN C 55 -20.63 -3.60 -4.86
N ALA C 56 -19.88 -4.70 -4.73
CA ALA C 56 -18.89 -4.85 -3.69
C ALA C 56 -17.51 -4.51 -4.25
N THR C 57 -16.71 -3.79 -3.48
CA THR C 57 -15.38 -3.36 -3.87
C THR C 57 -14.37 -3.81 -2.81
N PRO C 58 -13.47 -4.72 -3.18
CA PRO C 58 -12.53 -5.20 -2.16
C PRO C 58 -11.48 -4.16 -1.80
N GLY C 59 -10.97 -4.23 -0.56
CA GLY C 59 -9.81 -3.47 -0.12
C GLY C 59 -8.63 -4.36 0.26
N PRO C 60 -7.57 -3.75 0.84
CA PRO C 60 -6.31 -4.49 1.06
C PRO C 60 -6.40 -5.65 2.01
N ALA C 61 -7.41 -5.63 2.87
CA ALA C 61 -7.60 -6.69 3.84
C ALA C 61 -8.52 -7.82 3.32
N TYR C 62 -8.97 -7.71 2.06
CA TYR C 62 -9.80 -8.73 1.43
C TYR C 62 -9.06 -10.04 1.30
N SER C 63 -9.71 -11.14 1.66
CA SER C 63 -9.04 -12.46 1.63
C SER C 63 -9.58 -13.37 0.53
N GLY C 64 -10.69 -13.00 -0.10
CA GLY C 64 -11.40 -13.89 -1.02
C GLY C 64 -12.32 -14.85 -0.28
N ARG C 65 -12.39 -14.76 1.05
CA ARG C 65 -13.18 -15.67 1.88
C ARG C 65 -14.35 -14.93 2.53
N GLU C 66 -14.52 -13.64 2.23
CA GLU C 66 -15.56 -12.79 2.82
C GLU C 66 -16.70 -12.54 1.85
N THR C 67 -17.92 -12.49 2.36
CA THR C 67 -19.07 -12.13 1.54
C THR C 67 -19.86 -11.11 2.33
N ILE C 68 -20.17 -9.99 1.70
CA ILE C 68 -20.99 -8.96 2.32
C ILE C 68 -22.38 -9.00 1.69
N TYR C 69 -23.40 -8.89 2.54
CA TYR C 69 -24.80 -9.06 2.18
C TYR C 69 -25.53 -7.71 2.31
N PRO C 70 -26.72 -7.59 1.70
CA PRO C 70 -27.41 -6.29 1.65
C PRO C 70 -27.79 -5.71 3.01
N ASN C 71 -27.92 -6.55 4.03
CA ASN C 71 -28.16 -6.07 5.40
C ASN C 71 -26.87 -5.87 6.20
N ALA C 72 -25.74 -5.79 5.48
CA ALA C 72 -24.45 -5.51 6.05
C ALA C 72 -23.76 -6.71 6.72
N SER C 73 -24.40 -7.88 6.76
CA SER C 73 -23.78 -9.04 7.41
C SER C 73 -22.54 -9.42 6.60
N LEU C 74 -21.51 -9.88 7.29
CA LEU C 74 -20.27 -10.31 6.67
C LEU C 74 -20.01 -11.75 7.10
N LEU C 75 -19.95 -12.64 6.12
CA LEU C 75 -19.60 -14.03 6.34
C LEU C 75 -18.12 -14.15 6.01
N ILE C 76 -17.37 -14.79 6.92
CA ILE C 76 -15.99 -15.12 6.67
C ILE C 76 -15.86 -16.63 6.78
N GLN C 77 -15.32 -17.23 5.73
CA GLN C 77 -15.24 -18.68 5.61
C GLN C 77 -13.82 -19.15 5.79
N ASN C 78 -13.68 -20.44 6.12
CA ASN C 78 -12.36 -21.06 6.24
C ASN C 78 -11.42 -20.22 7.08
N VAL C 79 -11.86 -19.85 8.28
CA VAL C 79 -11.12 -18.89 9.09
C VAL C 79 -9.79 -19.43 9.55
N THR C 80 -8.84 -18.52 9.73
CA THR C 80 -7.51 -18.85 10.22
C THR C 80 -7.24 -18.00 11.43
N GLN C 81 -6.16 -18.31 12.13
CA GLN C 81 -5.80 -17.56 13.32
C GLN C 81 -5.60 -16.06 13.05
N ASN C 82 -5.16 -15.70 11.85
CA ASN C 82 -4.97 -14.28 11.53
C ASN C 82 -6.28 -13.50 11.36
N ASP C 83 -7.40 -14.20 11.20
CA ASP C 83 -8.71 -13.56 11.10
C ASP C 83 -9.24 -13.15 12.48
N THR C 84 -8.61 -13.67 13.53
CA THR C 84 -9.10 -13.46 14.87
C THR C 84 -9.07 -11.97 15.28
N GLY C 85 -10.06 -11.53 16.05
CA GLY C 85 -10.02 -10.17 16.58
C GLY C 85 -11.20 -9.28 16.19
N PHE C 86 -10.93 -8.01 16.06
CA PHE C 86 -11.98 -7.01 15.88
C PHE C 86 -12.26 -6.74 14.41
N TYR C 87 -13.53 -6.43 14.13
CA TYR C 87 -13.99 -6.00 12.81
C TYR C 87 -14.90 -4.80 12.99
N THR C 88 -14.77 -3.80 12.12
CA THR C 88 -15.50 -2.54 12.26
C THR C 88 -16.28 -2.23 11.00
N LEU C 89 -17.57 -1.97 11.18
CA LEU C 89 -18.46 -1.63 10.09
C LEU C 89 -18.70 -0.13 10.13
N GLN C 90 -18.57 0.53 8.99
CA GLN C 90 -19.11 1.87 8.84
C GLN C 90 -20.30 1.80 7.90
N VAL C 91 -21.43 2.35 8.37
CA VAL C 91 -22.60 2.47 7.55
C VAL C 91 -22.65 3.89 7.05
N ILE C 92 -22.61 3.99 5.72
CA ILE C 92 -22.69 5.26 5.01
C ILE C 92 -24.16 5.57 4.77
N LYS C 93 -24.56 6.80 5.11
CA LYS C 93 -25.94 7.24 5.03
C LYS C 93 -26.09 8.36 4.01
N SER C 94 -27.31 8.63 3.58
CA SER C 94 -27.54 9.63 2.51
C SER C 94 -27.16 11.05 2.91
N ASP C 95 -27.26 11.36 4.20
CA ASP C 95 -26.81 12.66 4.73
C ASP C 95 -25.34 12.63 5.18
N LEU C 96 -24.69 11.51 4.93
CA LEU C 96 -23.31 11.27 5.32
C LEU C 96 -23.04 11.42 6.83
N VAL C 97 -24.08 11.37 7.65
CA VAL C 97 -23.91 11.36 9.09
C VAL C 97 -23.67 9.93 9.48
N ASN C 98 -22.46 9.48 9.18
CA ASN C 98 -22.19 8.03 9.15
C ASN C 98 -22.11 7.44 10.54
N GLU C 99 -22.31 6.13 10.63
CA GLU C 99 -22.28 5.41 11.90
C GLU C 99 -21.27 4.27 11.84
N GLU C 100 -20.65 3.97 12.97
CA GLU C 100 -19.70 2.83 13.02
C GLU C 100 -20.02 1.92 14.20
N ALA C 101 -19.66 0.65 14.08
CA ALA C 101 -19.79 -0.29 15.17
C ALA C 101 -18.72 -1.35 15.01
N THR C 102 -18.21 -1.82 16.15
CA THR C 102 -17.14 -2.80 16.12
C THR C 102 -17.60 -4.09 16.76
N GLY C 103 -17.25 -5.21 16.13
CA GLY C 103 -17.52 -6.52 16.67
C GLY C 103 -16.23 -7.31 16.77
N GLN C 104 -16.34 -8.54 17.22
CA GLN C 104 -15.19 -9.33 17.47
C GLN C 104 -15.51 -10.81 17.39
N PHE C 105 -14.58 -11.61 16.87
CA PHE C 105 -14.64 -13.05 17.11
C PHE C 105 -13.26 -13.59 17.38
N HIS C 106 -13.21 -14.85 17.76
CA HIS C 106 -12.00 -15.44 18.21
C HIS C 106 -11.86 -16.84 17.63
N VAL C 107 -10.76 -17.05 16.91
CA VAL C 107 -10.49 -18.32 16.27
C VAL C 107 -9.75 -19.20 17.27
N TYR C 108 -10.15 -20.46 17.33
CA TYR C 108 -9.54 -21.43 18.23
C TYR C 108 -9.20 -22.73 17.50
N ALA D 1 25.91 10.08 -13.12
CA ALA D 1 25.61 9.42 -11.81
C ALA D 1 24.70 8.20 -11.98
N LYS D 2 24.69 7.59 -13.17
CA LYS D 2 23.93 6.36 -13.40
C LYS D 2 24.80 5.10 -13.22
N LEU D 3 24.28 4.11 -12.48
CA LEU D 3 24.98 2.84 -12.25
C LEU D 3 25.31 2.14 -13.57
N THR D 4 26.57 1.80 -13.79
CA THR D 4 26.96 1.07 -14.98
C THR D 4 27.94 -0.02 -14.63
N ILE D 5 28.00 -1.04 -15.47
CA ILE D 5 28.93 -2.13 -15.28
C ILE D 5 30.01 -2.08 -16.35
N GLU D 6 31.27 -2.21 -15.93
CA GLU D 6 32.37 -2.32 -16.85
C GLU D 6 33.00 -3.68 -16.64
N SER D 7 33.18 -4.42 -17.72
CA SER D 7 33.90 -5.67 -17.63
C SER D 7 35.35 -5.43 -18.03
N THR D 8 36.27 -6.01 -17.28
CA THR D 8 37.68 -5.86 -17.57
C THR D 8 38.40 -7.22 -17.42
N PRO D 9 39.06 -7.70 -18.46
CA PRO D 9 38.92 -7.16 -19.83
C PRO D 9 37.52 -7.53 -20.38
N PHE D 10 37.07 -6.82 -21.41
CA PHE D 10 35.71 -7.05 -21.94
C PHE D 10 35.81 -8.25 -22.85
N ASN D 11 36.97 -8.39 -23.49
CA ASN D 11 37.33 -9.57 -24.24
C ASN D 11 38.30 -10.44 -23.42
N VAL D 12 37.83 -11.60 -23.02
CA VAL D 12 38.51 -12.47 -22.07
C VAL D 12 38.95 -13.73 -22.79
N ALA D 13 40.19 -14.14 -22.56
CA ALA D 13 40.65 -15.44 -23.06
C ALA D 13 40.10 -16.56 -22.18
N GLU D 14 39.69 -17.64 -22.84
CA GLU D 14 39.22 -18.84 -22.15
C GLU D 14 40.24 -19.26 -21.08
N GLY D 15 39.75 -19.66 -19.91
CA GLY D 15 40.61 -20.07 -18.80
C GLY D 15 41.11 -18.95 -17.91
N LYS D 16 40.96 -17.70 -18.34
CA LYS D 16 41.41 -16.56 -17.55
C LYS D 16 40.25 -16.03 -16.73
N GLU D 17 40.36 -14.79 -16.25
CA GLU D 17 39.36 -14.27 -15.36
C GLU D 17 38.87 -12.91 -15.83
N VAL D 18 37.66 -12.57 -15.38
CA VAL D 18 37.09 -11.30 -15.73
C VAL D 18 36.59 -10.67 -14.44
N LEU D 19 36.77 -9.37 -14.34
CA LEU D 19 36.28 -8.61 -13.22
C LEU D 19 35.20 -7.67 -13.74
N LEU D 20 34.02 -7.76 -13.18
CA LEU D 20 32.92 -6.86 -13.49
C LEU D 20 32.91 -5.77 -12.43
N LEU D 21 33.10 -4.52 -12.87
CA LEU D 21 33.23 -3.40 -11.96
C LEU D 21 31.94 -2.62 -12.00
N ALA D 22 31.52 -2.14 -10.84
CA ALA D 22 30.35 -1.29 -10.80
C ALA D 22 30.81 0.16 -10.70
N HIS D 23 30.29 1.02 -11.55
CA HIS D 23 30.54 2.46 -11.44
C HIS D 23 29.30 3.22 -10.99
N ASN D 24 29.53 4.27 -10.20
CA ASN D 24 28.46 5.16 -9.73
C ASN D 24 27.45 4.45 -8.83
N LEU D 25 27.98 3.81 -7.79
CA LEU D 25 27.15 3.20 -6.77
C LEU D 25 26.38 4.26 -6.01
N PRO D 26 25.14 3.96 -5.62
CA PRO D 26 24.37 4.91 -4.81
C PRO D 26 24.92 4.97 -3.38
N GLN D 27 24.85 6.14 -2.76
CA GLN D 27 25.41 6.35 -1.43
C GLN D 27 24.68 5.57 -0.33
N ASN D 28 23.38 5.39 -0.48
CA ASN D 28 22.60 4.67 0.55
C ASN D 28 22.48 3.16 0.26
N ARG D 29 23.45 2.62 -0.46
CA ARG D 29 23.50 1.18 -0.72
C ARG D 29 23.55 0.40 0.60
N ILE D 30 22.81 -0.71 0.68
CA ILE D 30 22.94 -1.64 1.79
C ILE D 30 23.26 -3.08 1.37
N GLY D 31 23.04 -3.44 0.11
CA GLY D 31 23.39 -4.78 -0.34
C GLY D 31 23.44 -4.88 -1.85
N TYR D 32 23.90 -6.04 -2.32
CA TYR D 32 24.04 -6.31 -3.75
C TYR D 32 23.54 -7.70 -4.10
N SER D 33 23.05 -7.85 -5.32
CA SER D 33 22.85 -9.19 -5.87
C SER D 33 23.31 -9.22 -7.31
N TRP D 34 24.11 -10.22 -7.64
CA TRP D 34 24.52 -10.45 -9.01
C TRP D 34 23.79 -11.66 -9.59
N TYR D 35 23.32 -11.48 -10.82
CA TYR D 35 22.54 -12.46 -11.54
C TYR D 35 23.19 -12.79 -12.88
N LYS D 36 23.07 -14.04 -13.30
CA LYS D 36 23.41 -14.42 -14.66
C LYS D 36 22.25 -14.01 -15.57
N GLY D 37 22.59 -13.35 -16.68
CA GLY D 37 21.59 -12.88 -17.64
C GLY D 37 21.27 -11.40 -17.48
N GLU D 38 20.15 -10.99 -18.06
CA GLU D 38 19.85 -9.57 -18.23
C GLU D 38 18.85 -9.07 -17.22
N ARG D 39 18.44 -9.93 -16.29
CA ARG D 39 17.36 -9.57 -15.35
C ARG D 39 17.49 -10.15 -13.96
N VAL D 40 16.88 -9.43 -13.02
CA VAL D 40 16.72 -9.90 -11.68
C VAL D 40 15.78 -11.10 -11.73
N ASP D 41 16.25 -12.23 -11.20
CA ASP D 41 15.49 -13.45 -11.25
C ASP D 41 16.16 -14.42 -10.27
N GLY D 42 15.41 -14.80 -9.23
CA GLY D 42 15.93 -15.65 -8.17
C GLY D 42 16.58 -16.91 -8.67
N ASN D 43 16.02 -17.50 -9.72
CA ASN D 43 16.57 -18.72 -10.32
C ASN D 43 17.95 -18.51 -10.96
N SER D 44 18.34 -17.25 -11.19
CA SER D 44 19.61 -16.89 -11.83
C SER D 44 20.58 -16.19 -10.90
N LEU D 45 20.28 -16.18 -9.60
CA LEU D 45 21.13 -15.50 -8.64
C LEU D 45 22.45 -16.21 -8.51
N ILE D 46 23.52 -15.48 -8.77
CA ILE D 46 24.86 -15.99 -8.55
C ILE D 46 25.22 -15.83 -7.09
N VAL D 47 25.12 -14.61 -6.60
CA VAL D 47 25.49 -14.32 -5.22
C VAL D 47 24.83 -13.03 -4.74
N GLY D 48 24.36 -13.07 -3.50
CA GLY D 48 23.80 -11.91 -2.80
C GLY D 48 24.78 -11.48 -1.71
N TYR D 49 24.67 -10.24 -1.27
CA TYR D 49 25.64 -9.68 -0.35
C TYR D 49 25.05 -8.58 0.52
N VAL D 50 25.25 -8.69 1.84
CA VAL D 50 24.84 -7.67 2.79
C VAL D 50 26.06 -6.89 3.22
N ILE D 51 26.08 -5.60 2.90
CA ILE D 51 27.28 -4.79 3.13
C ILE D 51 27.65 -4.74 4.62
N GLY D 52 26.66 -4.50 5.48
CA GLY D 52 26.88 -4.27 6.91
C GLY D 52 27.44 -5.46 7.67
N THR D 53 27.01 -6.66 7.29
CA THR D 53 27.46 -7.89 7.93
C THR D 53 28.56 -8.59 7.13
N GLN D 54 28.80 -8.11 5.91
CA GLN D 54 29.76 -8.73 4.98
C GLN D 54 29.42 -10.17 4.68
N GLN D 55 28.13 -10.50 4.65
CA GLN D 55 27.68 -11.86 4.41
CA GLN D 55 27.71 -11.87 4.39
C GLN D 55 27.31 -12.06 2.94
N ALA D 56 28.02 -12.98 2.28
CA ALA D 56 27.69 -13.37 0.92
C ALA D 56 26.82 -14.62 0.99
N THR D 57 25.82 -14.70 0.12
CA THR D 57 24.95 -15.87 -0.01
C THR D 57 24.99 -16.35 -1.47
N PRO D 58 25.61 -17.50 -1.70
CA PRO D 58 25.59 -18.03 -3.07
C PRO D 58 24.21 -18.55 -3.47
N GLY D 59 23.83 -18.29 -4.72
CA GLY D 59 22.50 -18.65 -5.22
C GLY D 59 22.62 -19.79 -6.19
N PRO D 60 21.49 -20.15 -6.84
CA PRO D 60 21.46 -21.33 -7.70
C PRO D 60 22.38 -21.26 -8.92
N ALA D 61 22.80 -20.07 -9.34
CA ALA D 61 23.71 -19.90 -10.46
C ALA D 61 25.18 -19.87 -10.03
N TYR D 62 25.46 -19.98 -8.74
CA TYR D 62 26.83 -20.00 -8.25
C TYR D 62 27.52 -21.30 -8.71
N SER D 63 28.73 -21.21 -9.28
CA SER D 63 29.44 -22.35 -9.87
C SER D 63 30.74 -22.67 -9.14
N GLY D 64 31.05 -21.89 -8.10
CA GLY D 64 32.31 -22.02 -7.39
C GLY D 64 33.45 -21.18 -7.95
N ARG D 65 33.17 -20.38 -8.97
CA ARG D 65 34.21 -19.59 -9.63
C ARG D 65 33.99 -18.10 -9.46
N GLU D 66 32.91 -17.69 -8.78
CA GLU D 66 32.51 -16.26 -8.69
C GLU D 66 32.69 -15.70 -7.27
N THR D 67 33.22 -14.50 -7.15
CA THR D 67 33.44 -13.89 -5.85
C THR D 67 32.96 -12.45 -5.89
N ILE D 68 32.16 -12.07 -4.91
CA ILE D 68 31.69 -10.69 -4.79
C ILE D 68 32.48 -9.97 -3.71
N TYR D 69 32.67 -8.66 -3.91
CA TYR D 69 33.46 -7.85 -3.01
C TYR D 69 32.63 -6.68 -2.48
N PRO D 70 33.07 -6.07 -1.36
CA PRO D 70 32.36 -4.94 -0.77
C PRO D 70 32.11 -3.75 -1.71
N ASN D 71 32.90 -3.63 -2.78
CA ASN D 71 32.72 -2.60 -3.78
C ASN D 71 31.78 -3.00 -4.92
N ALA D 72 31.03 -4.10 -4.72
CA ALA D 72 30.08 -4.69 -5.68
C ALA D 72 30.71 -5.38 -6.89
N SER D 73 32.04 -5.37 -6.97
CA SER D 73 32.70 -6.00 -8.09
C SER D 73 32.49 -7.51 -7.99
N LEU D 74 32.43 -8.16 -9.15
CA LEU D 74 32.33 -9.62 -9.23
C LEU D 74 33.45 -10.15 -10.09
N LEU D 75 34.24 -11.05 -9.50
CA LEU D 75 35.30 -11.75 -10.20
C LEU D 75 34.80 -13.12 -10.61
N ILE D 76 34.99 -13.48 -11.87
CA ILE D 76 34.69 -14.81 -12.38
C ILE D 76 36.00 -15.37 -12.90
N GLN D 77 36.36 -16.54 -12.37
CA GLN D 77 37.62 -17.18 -12.69
C GLN D 77 37.42 -18.34 -13.61
N ASN D 78 38.50 -18.74 -14.28
CA ASN D 78 38.47 -19.91 -15.13
C ASN D 78 37.26 -19.86 -16.09
N VAL D 79 37.14 -18.76 -16.83
CA VAL D 79 35.99 -18.59 -17.73
C VAL D 79 36.00 -19.57 -18.91
N THR D 80 34.81 -19.90 -19.38
CA THR D 80 34.61 -20.78 -20.54
C THR D 80 33.73 -20.05 -21.53
N GLN D 81 33.62 -20.58 -22.74
CA GLN D 81 32.77 -19.95 -23.75
C GLN D 81 31.30 -19.87 -23.32
N ASN D 82 30.86 -20.77 -22.44
CA ASN D 82 29.49 -20.69 -21.91
C ASN D 82 29.21 -19.50 -20.99
N ASP D 83 30.27 -18.87 -20.47
CA ASP D 83 30.14 -17.69 -19.63
C ASP D 83 29.91 -16.43 -20.44
N THR D 84 30.11 -16.50 -21.75
CA THR D 84 29.88 -15.35 -22.59
C THR D 84 28.44 -14.89 -22.43
N GLY D 85 28.25 -13.58 -22.30
CA GLY D 85 26.90 -13.04 -22.18
C GLY D 85 26.73 -12.02 -21.08
N PHE D 86 25.50 -11.90 -20.62
CA PHE D 86 25.12 -10.80 -19.75
C PHE D 86 25.15 -11.17 -18.27
N TYR D 87 25.47 -10.15 -17.46
CA TYR D 87 25.42 -10.26 -16.01
C TYR D 87 24.78 -9.00 -15.47
N THR D 88 23.92 -9.16 -14.46
CA THR D 88 23.13 -8.02 -13.97
C THR D 88 23.30 -7.87 -12.47
N LEU D 89 23.61 -6.65 -12.06
CA LEU D 89 23.75 -6.27 -10.67
C LEU D 89 22.52 -5.50 -10.24
N GLN D 90 21.94 -5.90 -9.11
CA GLN D 90 20.99 -5.04 -8.44
C GLN D 90 21.63 -4.52 -7.17
N VAL D 91 21.58 -3.21 -7.00
CA VAL D 91 22.03 -2.59 -5.77
C VAL D 91 20.80 -2.28 -4.95
N ILE D 92 20.77 -2.88 -3.76
CA ILE D 92 19.69 -2.68 -2.81
C ILE D 92 20.06 -1.49 -1.94
N LYS D 93 19.12 -0.56 -1.80
CA LYS D 93 19.33 0.68 -1.06
C LYS D 93 18.42 0.75 0.16
N SER D 94 18.74 1.63 1.12
CA SER D 94 18.00 1.69 2.39
C SER D 94 16.54 2.12 2.22
N ASP D 95 16.25 2.89 1.18
CA ASP D 95 14.87 3.28 0.84
C ASP D 95 14.22 2.28 -0.16
N LEU D 96 14.98 1.22 -0.46
CA LEU D 96 14.57 0.19 -1.41
C LEU D 96 14.26 0.69 -2.83
N VAL D 97 14.71 1.91 -3.16
CA VAL D 97 14.53 2.42 -4.51
C VAL D 97 15.69 1.86 -5.30
N ASN D 98 15.58 0.57 -5.58
CA ASN D 98 16.75 -0.20 -6.00
C ASN D 98 17.16 0.14 -7.42
N GLU D 99 18.42 -0.12 -7.72
CA GLU D 99 18.99 0.21 -9.03
C GLU D 99 19.58 -1.04 -9.65
N GLU D 100 19.50 -1.15 -10.98
CA GLU D 100 20.07 -2.29 -11.68
C GLU D 100 20.93 -1.81 -12.81
N ALA D 101 21.93 -2.61 -13.15
CA ALA D 101 22.78 -2.34 -14.30
C ALA D 101 23.25 -3.67 -14.85
N THR D 102 23.38 -3.74 -16.17
CA THR D 102 23.76 -4.97 -16.82
C THR D 102 25.07 -4.76 -17.56
N GLY D 103 25.97 -5.73 -17.41
CA GLY D 103 27.23 -5.72 -18.12
C GLY D 103 27.33 -6.98 -18.94
N GLN D 104 28.42 -7.08 -19.69
CA GLN D 104 28.63 -8.22 -20.55
C GLN D 104 30.12 -8.35 -20.86
N PHE D 105 30.51 -9.58 -21.12
CA PHE D 105 31.83 -9.83 -21.66
C PHE D 105 31.73 -10.95 -22.68
N HIS D 106 32.81 -11.12 -23.42
CA HIS D 106 32.87 -12.13 -24.47
C HIS D 106 34.16 -12.90 -24.31
N VAL D 107 34.01 -14.23 -24.22
CA VAL D 107 35.11 -15.14 -24.03
C VAL D 107 35.56 -15.67 -25.39
N TYR D 108 36.81 -15.44 -25.73
CA TYR D 108 37.39 -15.87 -27.01
C TYR D 108 38.09 -17.21 -26.89
#